data_9REQ
#
_entry.id   9REQ
#
_cell.length_a   52.221
_cell.length_b   72.371
_cell.length_c   98.733
_cell.angle_alpha   90.000
_cell.angle_beta   90.000
_cell.angle_gamma   90.000
#
_symmetry.space_group_name_H-M   'P 21 21 21'
#
loop_
_entity.id
_entity.type
_entity.pdbx_description
1 polymer 'cAMP-dependent protein kinase catalytic subunit alpha'
2 non-polymer DI(HYDROXYETHYL)ETHER
3 non-polymer 1-[[(2~{R},3~{S},6~{S})-6-(2-hydroxyethyl)-3-oxidanyl-oxan-2-yl]methyl]-3-phenyl-urea
4 non-polymer 'DIMETHYL SULFOXIDE'
5 water water
#
_entity_poly.entity_id   1
_entity_poly.type   'polypeptide(L)'
_entity_poly.pdbx_seq_one_letter_code
;GHMGNAAAAKKGSEQESVKEFLAKAKEEFLKKWESPSQNTAQLDHFDRIKTLGTGSFGRVMLVKHKETGNHYAMKILDKQ
KVVKLKQIEHTLNEKRILQAVNFPFLVKLEFSFKDNSNLYMVMEYVPGGEMFSHLRRIGRF(SEP)EPHARFYAAQIVLT
FEYLHSLDLIYRDLKPENLLIDQQGYIQVTDFGFAKRVKGRTW(TPO)LCGTPEYLAPEIILSKGYNKAVDWWALGVLIY
EMAAGYPPFFADQPIQIYEKIVSGKVRFPSHFSSDLKDLLRNLLQVDLTKRFGNLKNGVNDIKNHKWFATTDWIAIYQRK
VEAPFIPKFKGPGDTSNFDDYEEEEIRV(SEP)INEKCGKEFTEF
;
_entity_poly.pdbx_strand_id   A
#
loop_
_chem_comp.id
_chem_comp.type
_chem_comp.name
_chem_comp.formula
A1JEI non-polymer 1-[[(2~{R},3~{S},6~{S})-6-(2-hydroxyethyl)-3-oxidanyl-oxan-2-yl]methyl]-3-phenyl-urea 'C15 H22 N2 O4'
DMS non-polymer 'DIMETHYL SULFOXIDE' 'C2 H6 O S'
PEG non-polymer DI(HYDROXYETHYL)ETHER 'C4 H10 O3'
#
# COMPACT_ATOMS: atom_id res chain seq x y z
N GLN A 15 3.44 -25.43 7.87
CA GLN A 15 2.57 -26.52 7.48
C GLN A 15 2.52 -26.65 5.96
N GLU A 16 2.43 -27.90 5.48
CA GLU A 16 2.41 -28.15 4.04
C GLU A 16 1.28 -27.41 3.33
N SER A 17 0.14 -27.19 4.00
CA SER A 17 -0.95 -26.47 3.33
C SER A 17 -0.56 -25.02 3.01
N VAL A 18 0.21 -24.37 3.89
CA VAL A 18 0.70 -23.02 3.62
C VAL A 18 1.75 -23.03 2.51
N LYS A 19 2.69 -24.00 2.57
CA LYS A 19 3.69 -24.12 1.51
C LYS A 19 3.06 -24.33 0.13
N GLU A 20 2.05 -25.20 0.02
CA GLU A 20 1.40 -25.40 -1.28
C GLU A 20 0.54 -24.21 -1.69
N PHE A 21 -0.06 -23.49 -0.74
CA PHE A 21 -0.77 -22.26 -1.10
C PHE A 21 0.19 -21.27 -1.75
N LEU A 22 1.37 -21.06 -1.14
CA LEU A 22 2.31 -20.07 -1.66
C LEU A 22 2.96 -20.52 -2.97
N ALA A 23 3.15 -21.86 -3.19
CA ALA A 23 3.68 -22.32 -4.47
C ALA A 23 2.70 -22.07 -5.62
N LYS A 24 1.39 -22.32 -5.40
CA LYS A 24 0.36 -22.01 -6.40
C LYS A 24 0.24 -20.50 -6.64
N ALA A 25 0.28 -19.70 -5.56
CA ALA A 25 0.24 -18.25 -5.72
C ALA A 25 1.35 -17.76 -6.63
N LYS A 26 2.57 -18.31 -6.48
CA LYS A 26 3.70 -17.88 -7.32
C LYS A 26 3.56 -18.34 -8.78
N GLU A 27 3.10 -19.58 -9.00
CA GLU A 27 2.76 -20.05 -10.35
C GLU A 27 1.80 -19.11 -11.08
N GLU A 28 0.73 -18.69 -10.40
CA GLU A 28 -0.30 -17.88 -11.06
C GLU A 28 0.21 -16.46 -11.33
N PHE A 29 0.99 -15.91 -10.39
CA PHE A 29 1.63 -14.61 -10.59
C PHE A 29 2.57 -14.63 -11.79
N LEU A 30 3.44 -15.66 -11.89
CA LEU A 30 4.44 -15.67 -12.97
C LEU A 30 3.82 -15.76 -14.36
N LYS A 31 2.70 -16.48 -14.52
CA LYS A 31 2.07 -16.56 -15.83
C LYS A 31 1.59 -15.19 -16.32
N LYS A 32 0.92 -14.42 -15.45
CA LYS A 32 0.51 -13.07 -15.82
C LYS A 32 1.68 -12.10 -15.93
N TRP A 33 2.74 -12.29 -15.11
CA TRP A 33 3.91 -11.42 -15.14
C TRP A 33 4.60 -11.51 -16.49
N GLU A 34 4.67 -12.71 -17.04
N GLU A 34 4.66 -12.70 -17.06
CA GLU A 34 5.38 -12.92 -18.30
CA GLU A 34 5.38 -12.95 -18.30
C GLU A 34 4.59 -12.38 -19.48
C GLU A 34 4.54 -12.67 -19.54
N SER A 35 3.26 -12.38 -19.39
CA SER A 35 2.39 -12.02 -20.52
C SER A 35 1.35 -10.99 -20.05
N PRO A 36 1.73 -9.74 -19.88
CA PRO A 36 0.80 -8.77 -19.26
C PRO A 36 -0.36 -8.36 -20.15
N SER A 37 -1.51 -8.06 -19.53
N SER A 37 -1.50 -8.06 -19.51
CA SER A 37 -2.63 -7.55 -20.31
CA SER A 37 -2.64 -7.49 -20.23
C SER A 37 -2.47 -6.06 -20.58
C SER A 37 -2.34 -6.05 -20.65
N GLN A 38 -3.00 -5.62 -21.73
CA GLN A 38 -2.86 -4.24 -22.20
C GLN A 38 -4.17 -3.78 -22.84
N ASN A 39 -4.46 -2.46 -22.75
CA ASN A 39 -5.46 -1.79 -23.59
C ASN A 39 -6.85 -2.42 -23.49
N THR A 40 -7.39 -2.55 -22.26
CA THR A 40 -8.64 -3.24 -22.05
C THR A 40 -9.86 -2.29 -21.80
N ALA A 41 -9.72 -0.96 -21.90
CA ALA A 41 -10.87 -0.01 -21.99
C ALA A 41 -10.43 1.29 -22.70
N GLN A 42 -11.29 2.34 -22.69
CA GLN A 42 -10.87 3.68 -23.11
C GLN A 42 -11.64 4.77 -22.32
N LEU A 43 -11.15 6.02 -22.38
CA LEU A 43 -11.66 7.06 -21.47
C LEU A 43 -13.16 7.30 -21.66
N ASP A 44 -13.65 7.35 -22.91
CA ASP A 44 -15.07 7.72 -23.13
C ASP A 44 -16.04 6.52 -22.89
N HIS A 45 -15.59 5.41 -22.28
CA HIS A 45 -16.46 4.40 -21.70
C HIS A 45 -16.92 4.77 -20.29
N PHE A 46 -16.44 5.89 -19.73
CA PHE A 46 -16.68 6.27 -18.33
C PHE A 46 -17.17 7.72 -18.23
N ASP A 47 -18.03 7.96 -17.23
CA ASP A 47 -18.40 9.30 -16.76
C ASP A 47 -17.53 9.66 -15.55
N ARG A 48 -16.97 10.88 -15.53
CA ARG A 48 -16.22 11.37 -14.38
C ARG A 48 -17.15 11.96 -13.30
N ILE A 49 -16.89 11.64 -12.05
N ILE A 49 -16.88 11.64 -12.01
CA ILE A 49 -17.73 12.11 -10.94
CA ILE A 49 -17.75 12.03 -10.89
C ILE A 49 -16.98 13.08 -10.03
C ILE A 49 -17.06 13.00 -9.92
N LYS A 50 -15.86 12.66 -9.44
CA LYS A 50 -15.23 13.46 -8.38
C LYS A 50 -13.74 13.14 -8.25
N THR A 51 -12.91 14.13 -7.95
CA THR A 51 -11.50 13.86 -7.65
C THR A 51 -11.38 13.39 -6.20
N LEU A 52 -10.76 12.21 -5.99
CA LEU A 52 -10.54 11.66 -4.65
C LEU A 52 -9.13 11.89 -4.09
N GLY A 53 -8.19 12.31 -4.92
CA GLY A 53 -6.81 12.46 -4.44
C GLY A 53 -5.95 13.06 -5.53
N THR A 54 -4.87 13.72 -5.15
N THR A 54 -4.87 13.76 -5.19
CA THR A 54 -3.98 14.37 -6.10
CA THR A 54 -4.03 14.42 -6.19
C THR A 54 -2.52 14.14 -5.70
C THR A 54 -2.58 14.53 -5.72
N GLY A 55 -1.65 14.38 -6.65
CA GLY A 55 -0.21 14.42 -6.38
C GLY A 55 0.54 15.16 -7.48
N SER A 56 1.87 15.00 -7.50
N SER A 56 1.87 14.98 -7.49
CA SER A 56 2.68 15.80 -8.42
CA SER A 56 2.74 15.72 -8.39
C SER A 56 2.68 15.30 -9.87
C SER A 56 2.53 15.34 -9.85
N PHE A 57 2.31 14.06 -10.13
CA PHE A 57 2.21 13.60 -11.52
C PHE A 57 0.91 12.85 -11.83
N GLY A 58 0.00 12.72 -10.88
CA GLY A 58 -1.24 12.01 -11.15
C GLY A 58 -2.37 12.37 -10.21
N ARG A 59 -3.55 11.82 -10.49
CA ARG A 59 -4.76 12.00 -9.68
C ARG A 59 -5.48 10.68 -9.57
N VAL A 60 -6.44 10.57 -8.63
CA VAL A 60 -7.36 9.44 -8.59
C VAL A 60 -8.78 9.99 -8.59
N MET A 61 -9.62 9.42 -9.46
N MET A 61 -9.61 9.56 -9.56
CA MET A 61 -10.99 9.84 -9.74
CA MET A 61 -10.99 10.03 -9.72
C MET A 61 -11.99 8.75 -9.38
C MET A 61 -12.03 8.90 -9.61
N LEU A 62 -13.17 9.17 -8.92
CA LEU A 62 -14.34 8.28 -8.98
C LEU A 62 -15.00 8.43 -10.35
N VAL A 63 -15.21 7.29 -11.04
CA VAL A 63 -15.87 7.21 -12.35
C VAL A 63 -16.97 6.16 -12.30
N LYS A 64 -17.92 6.30 -13.26
CA LYS A 64 -18.99 5.30 -13.47
C LYS A 64 -18.89 4.74 -14.89
N HIS A 65 -18.89 3.41 -15.04
CA HIS A 65 -18.90 2.82 -16.38
C HIS A 65 -20.26 3.00 -17.04
N LYS A 66 -20.27 3.53 -18.27
CA LYS A 66 -21.55 4.01 -18.83
C LYS A 66 -22.49 2.86 -19.20
N GLU A 67 -21.99 1.70 -19.62
CA GLU A 67 -22.89 0.62 -20.00
C GLU A 67 -23.28 -0.26 -18.82
N THR A 68 -22.36 -0.56 -17.88
CA THR A 68 -22.74 -1.43 -16.77
C THR A 68 -23.28 -0.68 -15.55
N GLY A 69 -22.94 0.60 -15.38
CA GLY A 69 -23.29 1.34 -14.19
C GLY A 69 -22.36 1.14 -13.00
N ASN A 70 -21.30 0.34 -13.15
CA ASN A 70 -20.40 0.05 -12.02
C ASN A 70 -19.49 1.24 -11.73
N HIS A 71 -19.16 1.44 -10.44
CA HIS A 71 -18.26 2.50 -10.02
C HIS A 71 -16.82 1.98 -9.92
N TYR A 72 -15.87 2.83 -10.25
CA TYR A 72 -14.44 2.52 -10.18
C TYR A 72 -13.63 3.71 -9.69
N ALA A 73 -12.42 3.42 -9.17
CA ALA A 73 -11.40 4.45 -8.93
C ALA A 73 -10.38 4.43 -10.08
N MET A 74 -10.34 5.52 -10.85
CA MET A 74 -9.48 5.66 -12.02
C MET A 74 -8.27 6.51 -11.68
N LYS A 75 -7.05 5.90 -11.68
CA LYS A 75 -5.80 6.60 -11.48
C LYS A 75 -5.30 7.11 -12.84
N ILE A 76 -5.10 8.41 -12.97
CA ILE A 76 -4.71 9.09 -14.22
C ILE A 76 -3.32 9.68 -14.02
N LEU A 77 -2.32 9.22 -14.79
CA LEU A 77 -0.94 9.73 -14.71
C LEU A 77 -0.56 10.50 -15.99
N ASP A 78 -0.07 11.72 -15.84
CA ASP A 78 0.38 12.57 -16.96
C ASP A 78 1.76 12.11 -17.43
N LYS A 79 1.84 11.60 -18.66
CA LYS A 79 3.11 11.01 -19.15
C LYS A 79 4.26 12.00 -19.06
N GLN A 80 4.06 13.24 -19.52
CA GLN A 80 5.16 14.20 -19.50
C GLN A 80 5.63 14.50 -18.08
N LYS A 81 4.70 14.52 -17.11
CA LYS A 81 5.13 14.76 -15.73
C LYS A 81 5.83 13.52 -15.14
N VAL A 82 5.39 12.32 -15.50
CA VAL A 82 6.08 11.09 -15.08
C VAL A 82 7.54 11.11 -15.54
N VAL A 83 7.78 11.50 -16.79
CA VAL A 83 9.15 11.57 -17.32
C VAL A 83 10.00 12.59 -16.56
N LYS A 84 9.45 13.80 -16.32
CA LYS A 84 10.23 14.84 -15.65
C LYS A 84 10.56 14.49 -14.21
N LEU A 85 9.67 13.80 -13.48
CA LEU A 85 9.96 13.43 -12.09
C LEU A 85 10.66 12.07 -11.99
N LYS A 86 11.11 11.52 -13.12
CA LYS A 86 11.96 10.33 -13.19
C LYS A 86 11.23 9.10 -12.65
N GLN A 87 9.94 8.99 -12.98
CA GLN A 87 9.12 7.87 -12.50
C GLN A 87 8.71 6.89 -13.60
N ILE A 88 9.41 6.87 -14.75
CA ILE A 88 9.02 5.94 -15.83
C ILE A 88 9.03 4.48 -15.35
N GLU A 89 10.18 4.02 -14.86
CA GLU A 89 10.29 2.61 -14.47
C GLU A 89 9.29 2.25 -13.36
N HIS A 90 9.15 3.16 -12.39
CA HIS A 90 8.18 2.97 -11.28
C HIS A 90 6.76 2.80 -11.79
N THR A 91 6.32 3.63 -12.76
CA THR A 91 4.94 3.47 -13.25
C THR A 91 4.75 2.19 -14.06
N LEU A 92 5.77 1.76 -14.81
CA LEU A 92 5.73 0.48 -15.50
C LEU A 92 5.70 -0.70 -14.51
N ASN A 93 6.51 -0.64 -13.44
CA ASN A 93 6.44 -1.60 -12.34
C ASN A 93 5.01 -1.71 -11.80
N GLU A 94 4.42 -0.56 -11.46
CA GLU A 94 3.10 -0.51 -10.80
C GLU A 94 2.03 -1.28 -11.61
N LYS A 95 1.91 -0.96 -12.91
CA LYS A 95 0.90 -1.63 -13.73
C LYS A 95 1.20 -3.12 -13.95
N ARG A 96 2.46 -3.49 -14.23
CA ARG A 96 2.76 -4.91 -14.47
C ARG A 96 2.51 -5.78 -13.22
N ILE A 97 2.83 -5.24 -12.03
CA ILE A 97 2.57 -6.00 -10.80
C ILE A 97 1.06 -6.10 -10.54
N LEU A 98 0.35 -4.93 -10.61
CA LEU A 98 -1.08 -4.94 -10.27
C LEU A 98 -1.89 -5.85 -11.16
N GLN A 99 -1.54 -5.95 -12.45
CA GLN A 99 -2.29 -6.86 -13.30
C GLN A 99 -1.95 -8.32 -13.07
N ALA A 100 -0.91 -8.63 -12.26
CA ALA A 100 -0.51 -10.02 -12.02
C ALA A 100 -0.82 -10.57 -10.63
N VAL A 101 -1.19 -9.74 -9.63
CA VAL A 101 -1.39 -10.22 -8.26
C VAL A 101 -2.86 -10.53 -8.00
N ASN A 102 -3.12 -11.23 -6.89
CA ASN A 102 -4.46 -11.67 -6.52
C ASN A 102 -4.39 -12.05 -5.03
N PHE A 103 -4.98 -11.23 -4.14
CA PHE A 103 -4.94 -11.53 -2.70
C PHE A 103 -6.10 -10.79 -2.02
N PRO A 104 -6.66 -11.32 -0.92
CA PRO A 104 -7.88 -10.69 -0.39
C PRO A 104 -7.74 -9.24 0.05
N PHE A 105 -6.53 -8.82 0.44
CA PHE A 105 -6.33 -7.49 1.03
C PHE A 105 -5.58 -6.55 0.09
N LEU A 106 -5.60 -6.83 -1.24
CA LEU A 106 -5.03 -5.93 -2.26
C LEU A 106 -6.14 -5.39 -3.16
N VAL A 107 -6.08 -4.08 -3.46
N VAL A 107 -6.15 -4.07 -3.41
CA VAL A 107 -6.98 -3.49 -4.44
CA VAL A 107 -7.13 -3.51 -4.35
C VAL A 107 -6.88 -4.28 -5.76
C VAL A 107 -6.91 -4.09 -5.75
N LYS A 108 -8.01 -4.45 -6.42
CA LYS A 108 -8.04 -5.15 -7.69
C LYS A 108 -8.03 -4.20 -8.90
N LEU A 109 -7.16 -4.47 -9.85
CA LEU A 109 -7.08 -3.72 -11.11
C LEU A 109 -8.06 -4.36 -12.08
N GLU A 110 -9.01 -3.57 -12.61
CA GLU A 110 -9.98 -4.11 -13.56
C GLU A 110 -9.69 -3.77 -15.02
N PHE A 111 -9.16 -2.58 -15.32
CA PHE A 111 -8.79 -2.19 -16.68
C PHE A 111 -7.50 -1.38 -16.67
N SER A 112 -6.79 -1.35 -17.80
CA SER A 112 -5.74 -0.36 -18.02
C SER A 112 -5.68 0.03 -19.50
N PHE A 113 -5.22 1.25 -19.74
CA PHE A 113 -5.08 1.74 -21.10
C PHE A 113 -4.26 3.03 -21.08
N LYS A 114 -3.93 3.56 -22.27
CA LYS A 114 -3.20 4.80 -22.42
C LYS A 114 -3.74 5.57 -23.63
N ASP A 115 -3.43 6.86 -23.69
CA ASP A 115 -3.80 7.71 -24.86
C ASP A 115 -2.68 8.71 -25.14
N ASN A 116 -2.94 9.71 -25.99
CA ASN A 116 -1.86 10.62 -26.37
C ASN A 116 -1.18 11.28 -25.17
N SER A 117 -1.91 11.49 -24.05
CA SER A 117 -1.38 12.26 -22.94
C SER A 117 -1.15 11.46 -21.65
N ASN A 118 -2.00 10.50 -21.33
CA ASN A 118 -2.06 9.89 -20.00
C ASN A 118 -1.94 8.37 -20.02
N LEU A 119 -1.59 7.83 -18.84
CA LEU A 119 -1.70 6.42 -18.46
C LEU A 119 -2.87 6.27 -17.50
N TYR A 120 -3.63 5.17 -17.64
CA TYR A 120 -4.83 4.95 -16.82
C TYR A 120 -4.84 3.57 -16.18
N MET A 121 -5.12 3.51 -14.88
CA MET A 121 -5.30 2.23 -14.16
C MET A 121 -6.65 2.32 -13.44
N VAL A 122 -7.60 1.48 -13.84
CA VAL A 122 -9.00 1.53 -13.33
C VAL A 122 -9.16 0.40 -12.30
N MET A 123 -9.37 0.77 -11.03
N MET A 123 -9.36 0.77 -11.02
CA MET A 123 -9.42 -0.17 -9.90
CA MET A 123 -9.41 -0.15 -9.89
C MET A 123 -10.82 -0.22 -9.32
C MET A 123 -10.83 -0.24 -9.34
N GLU A 124 -11.09 -1.30 -8.58
CA GLU A 124 -12.33 -1.33 -7.80
C GLU A 124 -12.38 -0.12 -6.86
N TYR A 125 -13.58 0.43 -6.64
CA TYR A 125 -13.77 1.56 -5.71
C TYR A 125 -14.11 1.07 -4.29
N VAL A 126 -13.42 1.62 -3.29
CA VAL A 126 -13.57 1.24 -1.89
C VAL A 126 -14.12 2.45 -1.14
N PRO A 127 -15.43 2.47 -0.80
CA PRO A 127 -16.10 3.71 -0.35
C PRO A 127 -15.86 4.08 1.10
N GLY A 128 -15.23 3.20 1.88
CA GLY A 128 -14.99 3.48 3.30
C GLY A 128 -13.89 4.49 3.61
N GLY A 129 -13.04 4.84 2.63
CA GLY A 129 -12.04 5.84 2.82
C GLY A 129 -10.72 5.26 3.33
N GLU A 130 -9.82 6.17 3.65
CA GLU A 130 -8.46 5.80 4.09
C GLU A 130 -8.41 5.55 5.59
N MET A 131 -7.61 4.56 6.00
CA MET A 131 -7.42 4.33 7.44
C MET A 131 -6.97 5.61 8.14
N PHE A 132 -6.13 6.42 7.45
CA PHE A 132 -5.65 7.68 8.01
C PHE A 132 -6.77 8.54 8.59
N SER A 133 -7.85 8.75 7.82
N SER A 133 -7.88 8.68 7.87
CA SER A 133 -8.98 9.56 8.29
CA SER A 133 -8.97 9.56 8.32
C SER A 133 -9.60 8.97 9.56
C SER A 133 -9.71 8.98 9.53
N HIS A 134 -9.89 7.66 9.57
CA HIS A 134 -10.51 7.06 10.75
C HIS A 134 -9.61 7.13 11.98
N LEU A 135 -8.28 6.92 11.80
CA LEU A 135 -7.31 7.00 12.92
C LEU A 135 -7.29 8.40 13.52
N ARG A 136 -7.25 9.44 12.68
CA ARG A 136 -7.24 10.82 13.18
C ARG A 136 -8.56 11.23 13.80
N ARG A 137 -9.69 10.71 13.31
CA ARG A 137 -10.99 11.00 13.89
C ARG A 137 -11.13 10.40 15.31
N ILE A 138 -10.76 9.11 15.46
CA ILE A 138 -10.89 8.39 16.74
C ILE A 138 -9.79 8.76 17.75
N GLY A 139 -8.59 9.11 17.26
CA GLY A 139 -7.42 9.41 18.08
C GLY A 139 -6.38 8.30 18.05
N ARG A 140 -6.74 7.15 18.60
CA ARG A 140 -5.91 5.95 18.47
C ARG A 140 -6.83 4.73 18.50
N PHE A 141 -6.34 3.63 17.91
CA PHE A 141 -7.02 2.35 17.95
C PHE A 141 -6.61 1.56 19.20
N SEP A 142 -7.56 0.83 19.80
CA SEP A 142 -7.23 -0.13 20.87
CB SEP A 142 -8.53 -0.76 21.41
OG SEP A 142 -9.05 -1.70 20.44
C SEP A 142 -6.26 -1.22 20.36
O SEP A 142 -6.17 -1.44 19.15
P SEP A 142 -10.61 -2.25 20.72
O1P SEP A 142 -11.00 -3.22 19.53
O2P SEP A 142 -10.63 -2.97 22.12
O3P SEP A 142 -11.63 -0.97 20.68
N GLU A 143 -5.59 -1.94 21.24
CA GLU A 143 -4.66 -2.96 20.72
C GLU A 143 -5.39 -4.04 19.91
N PRO A 144 -6.57 -4.55 20.34
CA PRO A 144 -7.26 -5.53 19.48
C PRO A 144 -7.60 -4.99 18.07
N HIS A 145 -8.02 -3.73 17.96
CA HIS A 145 -8.32 -3.09 16.68
C HIS A 145 -7.04 -2.96 15.82
N ALA A 146 -5.95 -2.45 16.42
CA ALA A 146 -4.66 -2.36 15.70
C ALA A 146 -4.19 -3.74 15.25
N ARG A 147 -4.37 -4.78 16.11
CA ARG A 147 -3.96 -6.16 15.80
C ARG A 147 -4.73 -6.76 14.63
N PHE A 148 -6.04 -6.49 14.54
CA PHE A 148 -6.82 -6.96 13.39
C PHE A 148 -6.26 -6.44 12.05
N TYR A 149 -6.00 -5.13 11.96
CA TYR A 149 -5.37 -4.55 10.75
C TYR A 149 -3.92 -5.06 10.54
N ALA A 150 -3.13 -5.17 11.63
CA ALA A 150 -1.74 -5.60 11.47
C ALA A 150 -1.69 -7.03 10.92
N ALA A 151 -2.56 -7.94 11.40
CA ALA A 151 -2.55 -9.33 10.89
C ALA A 151 -2.77 -9.36 9.38
N GLN A 152 -3.64 -8.48 8.86
CA GLN A 152 -3.89 -8.45 7.41
C GLN A 152 -2.65 -8.00 6.65
N ILE A 153 -1.88 -7.06 7.22
CA ILE A 153 -0.63 -6.61 6.60
C ILE A 153 0.44 -7.70 6.67
N VAL A 154 0.51 -8.45 7.78
CA VAL A 154 1.48 -9.57 7.86
C VAL A 154 1.22 -10.60 6.75
N LEU A 155 -0.06 -11.02 6.58
CA LEU A 155 -0.40 -11.99 5.52
C LEU A 155 -0.13 -11.42 4.13
N THR A 156 -0.44 -10.13 3.90
CA THR A 156 -0.20 -9.53 2.57
C THR A 156 1.30 -9.47 2.25
N PHE A 157 2.13 -9.12 3.24
CA PHE A 157 3.59 -9.08 3.00
C PHE A 157 4.16 -10.49 2.85
N GLU A 158 3.62 -11.48 3.57
CA GLU A 158 4.03 -12.87 3.34
C GLU A 158 3.79 -13.27 1.87
N TYR A 159 2.61 -12.95 1.34
CA TYR A 159 2.27 -13.19 -0.07
C TYR A 159 3.22 -12.43 -1.02
N LEU A 160 3.33 -11.10 -0.86
CA LEU A 160 4.15 -10.29 -1.78
C LEU A 160 5.62 -10.73 -1.75
N HIS A 161 6.17 -10.95 -0.54
CA HIS A 161 7.59 -11.33 -0.48
C HIS A 161 7.85 -12.70 -1.11
N SER A 162 6.88 -13.64 -1.03
CA SER A 162 7.05 -14.99 -1.63
C SER A 162 7.13 -14.90 -3.16
N LEU A 163 6.55 -13.86 -3.76
CA LEU A 163 6.62 -13.55 -5.19
C LEU A 163 7.86 -12.74 -5.55
N ASP A 164 8.80 -12.52 -4.59
CA ASP A 164 9.97 -11.61 -4.77
C ASP A 164 9.58 -10.14 -5.02
N LEU A 165 8.48 -9.68 -4.46
CA LEU A 165 8.06 -8.28 -4.55
C LEU A 165 8.28 -7.55 -3.24
N ILE A 166 8.78 -6.30 -3.31
CA ILE A 166 8.88 -5.39 -2.14
C ILE A 166 7.85 -4.29 -2.35
N TYR A 167 7.10 -3.92 -1.29
CA TYR A 167 6.02 -2.94 -1.45
C TYR A 167 6.47 -1.46 -1.36
N ARG A 168 7.20 -1.09 -0.29
CA ARG A 168 7.94 0.19 -0.14
C ARG A 168 7.08 1.45 0.00
N ASP A 169 5.77 1.34 0.29
CA ASP A 169 5.00 2.57 0.56
C ASP A 169 3.96 2.33 1.66
N LEU A 170 4.25 1.51 2.67
CA LEU A 170 3.28 1.35 3.78
C LEU A 170 3.11 2.63 4.58
N LYS A 171 1.85 3.07 4.76
CA LYS A 171 1.47 4.21 5.58
C LYS A 171 -0.06 4.22 5.66
N PRO A 172 -0.66 4.93 6.64
CA PRO A 172 -2.13 4.82 6.83
C PRO A 172 -2.96 5.35 5.66
N GLU A 173 -2.42 6.29 4.89
CA GLU A 173 -3.12 6.82 3.71
C GLU A 173 -3.30 5.81 2.60
N ASN A 174 -2.48 4.74 2.57
CA ASN A 174 -2.55 3.78 1.50
C ASN A 174 -3.36 2.55 1.88
N LEU A 175 -4.03 2.56 3.05
CA LEU A 175 -4.83 1.42 3.49
C LEU A 175 -6.31 1.81 3.47
N LEU A 176 -7.08 1.30 2.52
CA LEU A 176 -8.50 1.64 2.46
C LEU A 176 -9.33 0.64 3.26
N ILE A 177 -10.47 1.10 3.80
N ILE A 177 -10.44 1.12 3.84
CA ILE A 177 -11.33 0.25 4.63
CA ILE A 177 -11.35 0.28 4.62
C ILE A 177 -12.63 -0.04 3.88
C ILE A 177 -12.59 -0.02 3.78
N ASP A 178 -12.90 -1.32 3.65
CA ASP A 178 -13.98 -1.72 2.76
C ASP A 178 -15.31 -1.91 3.50
N GLN A 179 -16.33 -2.39 2.77
CA GLN A 179 -17.67 -2.45 3.33
C GLN A 179 -17.81 -3.47 4.46
N GLN A 180 -16.90 -4.45 4.58
CA GLN A 180 -16.86 -5.39 5.70
C GLN A 180 -15.92 -4.95 6.82
N GLY A 181 -15.30 -3.76 6.67
CA GLY A 181 -14.29 -3.29 7.63
C GLY A 181 -12.89 -3.88 7.48
N TYR A 182 -12.61 -4.63 6.40
CA TYR A 182 -11.26 -5.14 6.11
C TYR A 182 -10.45 -4.14 5.27
N ILE A 183 -9.10 -4.33 5.33
CA ILE A 183 -8.12 -3.52 4.56
C ILE A 183 -8.04 -3.90 3.08
N GLN A 184 -7.91 -2.88 2.22
CA GLN A 184 -7.45 -3.06 0.84
C GLN A 184 -6.24 -2.13 0.62
N VAL A 185 -5.06 -2.71 0.34
CA VAL A 185 -3.84 -1.89 0.14
C VAL A 185 -3.86 -1.34 -1.28
N THR A 186 -3.68 -0.02 -1.41
CA THR A 186 -3.63 0.65 -2.71
C THR A 186 -2.27 1.33 -2.88
N ASP A 187 -2.03 1.88 -4.10
CA ASP A 187 -0.80 2.57 -4.52
C ASP A 187 0.46 1.68 -4.55
N PHE A 188 0.66 1.00 -5.69
CA PHE A 188 1.87 0.19 -5.98
C PHE A 188 2.94 0.99 -6.75
N GLY A 189 2.92 2.33 -6.61
CA GLY A 189 3.86 3.19 -7.34
C GLY A 189 5.33 2.96 -7.05
N PHE A 190 5.66 2.45 -5.86
CA PHE A 190 7.04 2.09 -5.52
C PHE A 190 7.28 0.57 -5.42
N ALA A 191 6.30 -0.28 -5.75
CA ALA A 191 6.48 -1.72 -5.64
C ALA A 191 7.43 -2.24 -6.76
N LYS A 192 8.23 -3.26 -6.44
CA LYS A 192 9.25 -3.70 -7.41
C LYS A 192 9.56 -5.19 -7.22
N ARG A 193 9.78 -5.90 -8.34
CA ARG A 193 10.28 -7.30 -8.25
C ARG A 193 11.81 -7.30 -8.13
N VAL A 194 12.30 -7.88 -7.02
CA VAL A 194 13.68 -7.75 -6.55
C VAL A 194 14.11 -9.13 -6.08
N LYS A 195 15.06 -9.73 -6.79
CA LYS A 195 15.83 -10.85 -6.25
C LYS A 195 17.14 -10.23 -5.75
N GLY A 196 17.30 -10.20 -4.46
CA GLY A 196 18.49 -9.64 -3.87
C GLY A 196 18.23 -8.29 -3.24
N ARG A 197 19.05 -7.32 -3.62
CA ARG A 197 18.99 -5.96 -3.11
C ARG A 197 18.50 -4.99 -4.21
N THR A 198 18.07 -3.82 -3.77
CA THR A 198 17.73 -2.68 -4.62
C THR A 198 18.19 -1.39 -3.94
N TRP A 199 18.25 -0.29 -4.69
CA TRP A 199 18.93 0.92 -4.20
C TRP A 199 18.14 2.25 -4.27
N TPO A 200 16.92 2.30 -4.80
CA TPO A 200 16.33 3.62 -5.01
CB TPO A 200 15.09 3.57 -5.94
CG2 TPO A 200 14.42 4.92 -6.23
OG1 TPO A 200 15.34 2.88 -7.13
P TPO A 200 14.74 1.37 -7.44
O1P TPO A 200 13.25 1.62 -7.72
O2P TPO A 200 15.53 0.83 -8.66
O3P TPO A 200 14.99 0.50 -6.17
C TPO A 200 15.87 4.32 -3.71
O TPO A 200 15.21 3.72 -2.84
N LEU A 201 16.11 5.61 -3.54
CA LEU A 201 15.53 6.35 -2.42
C LEU A 201 14.08 6.66 -2.76
N CYS A 202 13.17 6.02 -2.01
CA CYS A 202 11.75 6.32 -2.18
C CYS A 202 11.02 5.88 -0.93
N GLY A 203 9.86 6.51 -0.72
CA GLY A 203 8.97 6.30 0.42
C GLY A 203 8.72 7.60 1.17
N THR A 204 7.85 7.53 2.20
CA THR A 204 7.55 8.69 3.02
C THR A 204 8.48 8.79 4.23
N PRO A 205 8.98 9.99 4.61
CA PRO A 205 10.05 10.06 5.62
C PRO A 205 9.80 9.31 6.92
N GLU A 206 8.61 9.44 7.48
N GLU A 206 8.63 9.46 7.56
CA GLU A 206 8.26 8.86 8.76
CA GLU A 206 8.44 8.82 8.87
C GLU A 206 8.40 7.33 8.80
C GLU A 206 8.47 7.29 8.82
N TYR A 207 8.31 6.68 7.64
CA TYR A 207 8.25 5.21 7.49
C TYR A 207 9.53 4.59 6.92
N LEU A 208 10.56 5.39 6.63
CA LEU A 208 11.79 4.87 6.01
C LEU A 208 12.69 4.12 7.00
N ALA A 209 13.14 2.91 6.59
CA ALA A 209 14.12 2.17 7.38
C ALA A 209 15.51 2.84 7.37
N PRO A 210 16.34 2.55 8.38
CA PRO A 210 17.68 3.19 8.42
C PRO A 210 18.52 2.93 7.19
N GLU A 211 18.49 1.71 6.64
CA GLU A 211 19.34 1.40 5.48
C GLU A 211 18.90 2.15 4.23
N ILE A 212 17.67 2.65 4.16
CA ILE A 212 17.30 3.52 3.02
C ILE A 212 17.88 4.92 3.23
N ILE A 213 17.80 5.43 4.45
CA ILE A 213 18.32 6.77 4.76
C ILE A 213 19.83 6.82 4.53
N LEU A 214 20.52 5.70 4.77
CA LEU A 214 22.00 5.66 4.66
C LEU A 214 22.48 5.25 3.27
N SER A 215 21.58 5.17 2.29
CA SER A 215 21.94 4.93 0.89
C SER A 215 22.62 3.58 0.70
N LYS A 216 22.16 2.57 1.43
CA LYS A 216 22.66 1.22 1.29
C LYS A 216 21.82 0.43 0.28
N GLY A 217 22.37 -0.68 -0.20
CA GLY A 217 21.59 -1.70 -0.88
C GLY A 217 20.68 -2.37 0.14
N TYR A 218 19.39 -2.38 -0.12
CA TYR A 218 18.44 -2.89 0.88
C TYR A 218 17.49 -3.96 0.29
N ASN A 219 16.69 -4.59 1.14
CA ASN A 219 15.88 -5.73 0.72
C ASN A 219 14.51 -5.67 1.41
N LYS A 220 13.80 -6.82 1.40
CA LYS A 220 12.43 -6.88 1.92
C LYS A 220 12.32 -6.55 3.41
N ALA A 221 13.42 -6.56 4.14
CA ALA A 221 13.39 -6.16 5.53
C ALA A 221 12.90 -4.73 5.73
N VAL A 222 12.94 -3.85 4.72
CA VAL A 222 12.43 -2.48 4.90
C VAL A 222 10.89 -2.48 5.06
N ASP A 223 10.19 -3.48 4.53
CA ASP A 223 8.72 -3.57 4.69
C ASP A 223 8.38 -3.95 6.14
N TRP A 224 9.16 -4.83 6.78
CA TRP A 224 8.93 -5.21 8.19
C TRP A 224 9.25 -4.04 9.15
N TRP A 225 10.26 -3.22 8.86
CA TRP A 225 10.47 -1.97 9.60
C TRP A 225 9.24 -1.09 9.49
N ALA A 226 8.73 -0.89 8.26
CA ALA A 226 7.57 -0.01 8.11
C ALA A 226 6.34 -0.56 8.85
N LEU A 227 6.22 -1.90 8.95
CA LEU A 227 5.11 -2.48 9.74
C LEU A 227 5.22 -2.07 11.21
N GLY A 228 6.44 -2.10 11.79
CA GLY A 228 6.65 -1.58 13.15
C GLY A 228 6.21 -0.13 13.31
N VAL A 229 6.52 0.73 12.32
CA VAL A 229 6.04 2.12 12.37
C VAL A 229 4.53 2.20 12.37
N LEU A 230 3.90 1.44 11.46
CA LEU A 230 2.45 1.47 11.34
C LEU A 230 1.76 1.00 12.63
N ILE A 231 2.24 -0.11 13.22
CA ILE A 231 1.60 -0.63 14.46
C ILE A 231 1.74 0.40 15.58
N TYR A 232 2.91 1.02 15.71
CA TYR A 232 3.10 2.06 16.73
C TYR A 232 2.13 3.21 16.51
N GLU A 233 2.05 3.71 15.25
CA GLU A 233 1.14 4.82 14.96
C GLU A 233 -0.34 4.44 15.21
N MET A 234 -0.75 3.23 14.82
CA MET A 234 -2.15 2.83 15.09
C MET A 234 -2.46 2.84 16.61
N ALA A 235 -1.53 2.34 17.44
CA ALA A 235 -1.78 2.17 18.89
C ALA A 235 -1.53 3.43 19.70
N ALA A 236 -0.66 4.35 19.25
CA ALA A 236 -0.37 5.59 19.96
C ALA A 236 -1.15 6.77 19.41
N GLY A 237 -1.45 6.79 18.11
CA GLY A 237 -2.06 7.95 17.47
C GLY A 237 -1.09 8.88 16.75
N TYR A 238 0.23 8.64 16.84
CA TYR A 238 1.29 9.40 16.21
C TYR A 238 2.47 8.44 15.95
N PRO A 239 3.35 8.76 14.99
CA PRO A 239 4.46 7.83 14.63
C PRO A 239 5.61 7.93 15.60
N PRO A 240 6.50 6.93 15.63
CA PRO A 240 7.56 6.89 16.67
C PRO A 240 8.70 7.91 16.45
N PHE A 241 8.98 8.30 15.23
CA PHE A 241 10.15 9.14 14.95
C PHE A 241 9.78 10.55 14.53
N PHE A 242 8.68 11.06 15.06
CA PHE A 242 8.11 12.35 14.69
C PHE A 242 9.06 13.53 14.90
N ALA A 243 9.11 14.42 13.90
CA ALA A 243 9.77 15.72 14.03
C ALA A 243 9.35 16.61 12.85
N ASP A 244 9.82 17.88 12.88
CA ASP A 244 9.24 18.93 12.05
C ASP A 244 9.77 18.97 10.62
N GLN A 245 11.05 18.65 10.40
CA GLN A 245 11.69 18.59 9.09
C GLN A 245 12.25 17.18 8.86
N PRO A 246 12.29 16.71 7.60
CA PRO A 246 12.84 15.37 7.32
C PRO A 246 14.21 15.10 7.92
N ILE A 247 15.15 16.05 7.86
CA ILE A 247 16.51 15.73 8.32
C ILE A 247 16.49 15.42 9.81
N GLN A 248 15.59 16.06 10.58
CA GLN A 248 15.44 15.73 11.99
C GLN A 248 14.76 14.37 12.20
N ILE A 249 13.81 14.01 11.33
CA ILE A 249 13.21 12.68 11.40
C ILE A 249 14.28 11.61 11.16
N TYR A 250 15.14 11.84 10.16
CA TYR A 250 16.18 10.87 9.79
C TYR A 250 17.17 10.64 10.94
N GLU A 251 17.56 11.70 11.66
CA GLU A 251 18.45 11.50 12.81
C GLU A 251 17.83 10.59 13.87
N LYS A 252 16.53 10.76 14.15
CA LYS A 252 15.87 9.92 15.14
C LYS A 252 15.79 8.46 14.67
N ILE A 253 15.50 8.25 13.39
CA ILE A 253 15.37 6.90 12.84
C ILE A 253 16.71 6.12 12.96
N VAL A 254 17.83 6.74 12.57
CA VAL A 254 19.10 5.98 12.62
C VAL A 254 19.65 5.82 14.05
N SER A 255 19.05 6.43 15.09
N SER A 255 19.27 6.69 14.98
CA SER A 255 19.62 6.45 16.45
CA SER A 255 19.49 6.38 16.38
C SER A 255 19.54 5.13 17.24
C SER A 255 18.56 5.25 16.80
N GLY A 256 18.64 4.20 16.90
N GLY A 256 17.38 5.17 16.17
CA GLY A 256 18.52 3.01 17.73
CA GLY A 256 16.34 4.23 16.54
C GLY A 256 17.78 3.16 19.05
C GLY A 256 15.93 4.33 17.99
N LYS A 257 16.97 4.22 19.21
N LYS A 257 16.20 5.45 18.67
CA LYS A 257 16.20 4.49 20.42
CA LYS A 257 15.68 5.65 20.03
C LYS A 257 14.77 4.86 20.06
C LYS A 257 14.17 5.83 19.98
N VAL A 258 13.82 4.53 20.93
N VAL A 258 13.47 4.86 20.57
CA VAL A 258 12.41 4.91 20.76
CA VAL A 258 12.01 4.77 20.55
C VAL A 258 11.74 4.90 22.14
C VAL A 258 11.54 4.78 21.99
N ARG A 259 10.73 5.77 22.33
CA ARG A 259 10.02 5.84 23.62
C ARG A 259 8.59 5.35 23.41
N PHE A 260 8.12 4.47 24.30
CA PHE A 260 6.77 3.90 24.22
C PHE A 260 5.82 4.54 25.23
N PRO A 261 4.56 4.81 24.84
CA PRO A 261 3.55 5.26 25.83
C PRO A 261 3.35 4.23 26.93
N SER A 262 3.09 4.69 28.15
CA SER A 262 2.87 3.72 29.23
C SER A 262 1.62 2.87 29.02
N HIS A 263 0.65 3.32 28.22
CA HIS A 263 -0.47 2.42 28.04
C HIS A 263 -0.18 1.23 27.13
N PHE A 264 0.93 1.19 26.37
CA PHE A 264 1.25 0.00 25.61
C PHE A 264 1.43 -1.23 26.52
N SER A 265 0.91 -2.39 26.07
CA SER A 265 1.19 -3.66 26.77
C SER A 265 2.68 -4.03 26.67
N SER A 266 3.17 -4.87 27.61
CA SER A 266 4.53 -5.37 27.51
C SER A 266 4.74 -6.17 26.23
N ASP A 267 3.74 -6.96 25.80
CA ASP A 267 3.91 -7.76 24.59
C ASP A 267 4.03 -6.85 23.34
N LEU A 268 3.29 -5.74 23.31
CA LEU A 268 3.39 -4.81 22.16
C LEU A 268 4.77 -4.17 22.11
N LYS A 269 5.27 -3.68 23.27
CA LYS A 269 6.63 -3.11 23.30
C LYS A 269 7.66 -4.12 22.83
N ASP A 270 7.55 -5.39 23.24
CA ASP A 270 8.55 -6.38 22.83
C ASP A 270 8.51 -6.62 21.32
N LEU A 271 7.31 -6.74 20.71
CA LEU A 271 7.25 -6.93 19.25
C LEU A 271 7.83 -5.72 18.51
N LEU A 272 7.53 -4.51 18.98
CA LEU A 272 8.01 -3.28 18.29
C LEU A 272 9.53 -3.12 18.40
N ARG A 273 10.15 -3.52 19.54
CA ARG A 273 11.61 -3.49 19.60
C ARG A 273 12.25 -4.38 18.55
N ASN A 274 11.60 -5.52 18.20
CA ASN A 274 12.17 -6.46 17.23
C ASN A 274 11.86 -6.08 15.79
N LEU A 275 10.76 -5.35 15.53
CA LEU A 275 10.49 -4.82 14.17
C LEU A 275 11.29 -3.54 13.90
N LEU A 276 11.38 -2.64 14.89
CA LEU A 276 12.15 -1.37 14.81
C LEU A 276 13.61 -1.59 15.22
N GLN A 277 14.18 -2.70 14.81
CA GLN A 277 15.59 -3.03 15.01
C GLN A 277 16.44 -2.39 13.91
N VAL A 278 17.37 -1.50 14.28
CA VAL A 278 18.17 -0.77 13.29
C VAL A 278 19.09 -1.69 12.50
N ASP A 279 19.57 -2.78 13.11
CA ASP A 279 20.41 -3.76 12.42
C ASP A 279 19.51 -4.70 11.63
N LEU A 280 19.51 -4.60 10.29
CA LEU A 280 18.60 -5.38 9.47
C LEU A 280 18.84 -6.89 9.60
N THR A 281 20.06 -7.31 10.01
CA THR A 281 20.34 -8.73 10.18
C THR A 281 19.74 -9.31 11.47
N LYS A 282 19.18 -8.47 12.36
CA LYS A 282 18.54 -8.89 13.61
C LYS A 282 17.05 -8.60 13.61
N ARG A 283 16.50 -8.09 12.52
CA ARG A 283 15.11 -7.59 12.52
C ARG A 283 14.12 -8.73 12.25
N PHE A 284 13.02 -8.78 13.04
CA PHE A 284 11.97 -9.78 12.81
C PHE A 284 11.41 -9.64 11.39
N GLY A 285 11.12 -10.81 10.77
CA GLY A 285 10.79 -10.90 9.38
C GLY A 285 11.99 -11.23 8.51
N ASN A 286 13.21 -10.95 9.00
CA ASN A 286 14.41 -11.13 8.20
C ASN A 286 15.36 -12.15 8.81
N LEU A 287 14.92 -12.94 9.80
CA LEU A 287 15.74 -14.02 10.38
C LEU A 287 15.45 -15.37 9.70
N LYS A 288 16.14 -16.43 10.16
CA LYS A 288 15.95 -17.77 9.59
C LYS A 288 14.49 -18.22 9.51
N ASN A 289 13.67 -17.91 10.52
CA ASN A 289 12.27 -18.33 10.53
C ASN A 289 11.35 -17.37 9.77
N GLY A 290 11.88 -16.32 9.19
CA GLY A 290 11.07 -15.45 8.33
C GLY A 290 9.85 -14.88 9.07
N VAL A 291 8.71 -14.90 8.38
CA VAL A 291 7.48 -14.32 8.92
C VAL A 291 6.97 -15.06 10.15
N ASN A 292 7.41 -16.30 10.39
CA ASN A 292 6.86 -17.02 11.53
C ASN A 292 7.33 -16.47 12.88
N ASP A 293 8.48 -15.76 12.96
CA ASP A 293 8.82 -15.08 14.22
C ASP A 293 7.77 -14.01 14.57
N ILE A 294 7.14 -13.42 13.55
CA ILE A 294 6.08 -12.43 13.81
C ILE A 294 4.76 -13.13 14.13
N LYS A 295 4.33 -14.09 13.29
CA LYS A 295 3.04 -14.75 13.54
C LYS A 295 2.97 -15.47 14.90
N ASN A 296 4.10 -15.96 15.43
CA ASN A 296 4.16 -16.71 16.69
C ASN A 296 4.51 -15.85 17.89
N HIS A 297 4.67 -14.54 17.69
CA HIS A 297 4.91 -13.66 18.81
C HIS A 297 3.67 -13.56 19.73
N LYS A 298 3.93 -13.43 21.04
CA LYS A 298 2.89 -13.33 22.06
C LYS A 298 1.85 -12.26 21.72
N TRP A 299 2.26 -11.14 21.10
CA TRP A 299 1.24 -10.11 20.84
C TRP A 299 0.16 -10.61 19.88
N PHE A 300 0.44 -11.64 19.06
CA PHE A 300 -0.54 -12.19 18.15
C PHE A 300 -1.17 -13.49 18.67
N ALA A 301 -1.08 -13.75 19.99
CA ALA A 301 -1.52 -15.08 20.48
C ALA A 301 -3.02 -15.32 20.29
N THR A 302 -3.85 -14.27 20.28
CA THR A 302 -5.30 -14.40 20.06
C THR A 302 -5.70 -14.40 18.57
N THR A 303 -4.76 -14.22 17.63
CA THR A 303 -5.10 -14.13 16.21
C THR A 303 -5.27 -15.51 15.57
N ASP A 304 -6.41 -15.71 14.86
CA ASP A 304 -6.67 -16.90 14.05
C ASP A 304 -6.32 -16.54 12.61
N TRP A 305 -5.09 -16.91 12.19
CA TRP A 305 -4.55 -16.48 10.90
C TRP A 305 -5.42 -16.96 9.74
N ILE A 306 -5.91 -18.21 9.81
CA ILE A 306 -6.77 -18.73 8.73
C ILE A 306 -8.10 -17.99 8.68
N ALA A 307 -8.70 -17.72 9.85
CA ALA A 307 -9.98 -17.02 9.88
C ALA A 307 -9.89 -15.60 9.31
N ILE A 308 -8.76 -14.91 9.56
CA ILE A 308 -8.56 -13.57 8.99
C ILE A 308 -8.49 -13.66 7.46
N TYR A 309 -7.67 -14.59 6.96
CA TYR A 309 -7.52 -14.77 5.51
C TYR A 309 -8.87 -15.04 4.84
N GLN A 310 -9.70 -15.89 5.46
CA GLN A 310 -11.01 -16.24 4.93
C GLN A 310 -12.09 -15.17 5.16
N ARG A 311 -11.75 -14.05 5.85
CA ARG A 311 -12.66 -12.95 6.17
C ARG A 311 -13.86 -13.38 7.02
N LYS A 312 -13.59 -14.23 8.01
CA LYS A 312 -14.64 -14.77 8.86
C LYS A 312 -14.72 -14.09 10.21
N VAL A 313 -13.74 -13.27 10.56
CA VAL A 313 -13.69 -12.52 11.80
C VAL A 313 -14.55 -11.24 11.67
N GLU A 314 -15.39 -10.96 12.67
CA GLU A 314 -16.13 -9.70 12.64
C GLU A 314 -15.20 -8.52 12.88
N ALA A 315 -15.30 -7.51 12.03
CA ALA A 315 -14.38 -6.41 12.11
C ALA A 315 -14.68 -5.48 13.29
N PRO A 316 -13.68 -4.78 13.80
CA PRO A 316 -13.93 -3.84 14.92
C PRO A 316 -14.82 -2.67 14.56
N PHE A 317 -14.95 -2.35 13.28
CA PHE A 317 -15.47 -1.07 12.86
C PHE A 317 -15.92 -1.18 11.40
N ILE A 318 -17.14 -0.76 11.10
CA ILE A 318 -17.66 -0.71 9.73
C ILE A 318 -17.83 0.76 9.36
N PRO A 319 -17.26 1.23 8.26
CA PRO A 319 -17.39 2.66 7.92
C PRO A 319 -18.84 3.01 7.56
N LYS A 320 -19.20 4.27 7.84
CA LYS A 320 -20.54 4.79 7.54
C LYS A 320 -20.55 5.33 6.11
N PHE A 321 -21.40 4.77 5.25
CA PHE A 321 -21.53 5.29 3.88
C PHE A 321 -22.90 4.81 3.36
N LYS A 322 -23.40 5.47 2.32
CA LYS A 322 -24.78 5.27 1.87
C LYS A 322 -24.94 4.28 0.73
N GLY A 323 -23.86 4.00 -0.04
CA GLY A 323 -23.92 3.14 -1.21
C GLY A 323 -22.61 3.15 -1.97
N PRO A 324 -22.52 2.38 -3.04
CA PRO A 324 -21.22 2.24 -3.73
C PRO A 324 -20.75 3.49 -4.47
N GLY A 325 -21.56 4.55 -4.64
CA GLY A 325 -21.15 5.83 -5.20
C GLY A 325 -20.92 6.92 -4.16
N ASP A 326 -21.05 6.62 -2.86
CA ASP A 326 -20.86 7.61 -1.82
C ASP A 326 -19.38 8.00 -1.71
N THR A 327 -19.10 9.30 -1.69
CA THR A 327 -17.75 9.86 -1.57
C THR A 327 -17.53 10.58 -0.24
N SER A 328 -18.45 10.42 0.72
N SER A 328 -18.45 10.46 0.73
CA SER A 328 -18.44 11.16 1.98
CA SER A 328 -18.37 11.28 1.95
C SER A 328 -17.15 10.96 2.78
C SER A 328 -17.18 10.94 2.85
N ASN A 329 -16.53 9.79 2.68
CA ASN A 329 -15.34 9.47 3.48
C ASN A 329 -14.02 9.91 2.84
N PHE A 330 -14.05 10.58 1.68
CA PHE A 330 -12.92 11.24 1.03
C PHE A 330 -13.13 12.75 1.07
N ASP A 331 -12.06 13.50 0.85
CA ASP A 331 -12.18 14.95 1.03
C ASP A 331 -12.21 15.68 -0.33
N ASP A 332 -12.28 17.03 -0.28
CA ASP A 332 -12.60 17.84 -1.45
C ASP A 332 -11.36 18.49 -2.07
N TYR A 333 -11.24 18.37 -3.41
CA TYR A 333 -10.15 18.90 -4.21
C TYR A 333 -10.70 19.76 -5.33
N GLU A 334 -9.93 20.76 -5.78
CA GLU A 334 -10.29 21.52 -6.97
C GLU A 334 -10.43 20.55 -8.16
N GLU A 335 -11.51 20.69 -8.91
CA GLU A 335 -11.83 19.81 -10.04
C GLU A 335 -11.19 20.36 -11.30
N GLU A 336 -10.22 19.62 -11.87
CA GLU A 336 -9.48 20.04 -13.06
C GLU A 336 -9.81 19.17 -14.27
N GLU A 337 -9.62 19.73 -15.48
CA GLU A 337 -9.86 19.02 -16.73
C GLU A 337 -9.02 17.72 -16.86
N ILE A 338 -9.53 16.74 -17.62
CA ILE A 338 -8.72 15.63 -18.13
C ILE A 338 -8.48 15.86 -19.61
N ARG A 339 -7.37 16.52 -19.95
CA ARG A 339 -7.04 16.85 -21.34
C ARG A 339 -6.32 15.72 -22.03
N VAL A 340 -6.63 15.55 -23.32
CA VAL A 340 -5.94 14.57 -24.14
C VAL A 340 -5.44 15.29 -25.39
N SEP A 341 -4.12 15.46 -25.49
CA SEP A 341 -3.53 16.27 -26.57
CB SEP A 341 -2.00 16.39 -26.38
OG SEP A 341 -1.40 16.83 -27.59
C SEP A 341 -3.86 15.68 -27.93
O SEP A 341 -4.12 14.48 -28.08
P SEP A 341 -1.28 18.44 -27.68
O1P SEP A 341 -0.02 18.78 -28.65
O2P SEP A 341 -2.68 18.96 -28.25
O3P SEP A 341 -0.99 19.07 -26.24
N ILE A 342 -3.89 16.55 -28.95
CA ILE A 342 -4.15 16.12 -30.31
C ILE A 342 -2.95 15.33 -30.87
N ASN A 343 -1.78 15.48 -30.25
CA ASN A 343 -0.53 14.82 -30.63
C ASN A 343 -0.07 13.81 -29.57
N GLU A 344 0.54 12.69 -30.00
CA GLU A 344 1.06 11.69 -29.05
C GLU A 344 2.28 12.23 -28.30
N LYS A 345 2.30 12.05 -26.97
CA LYS A 345 3.44 12.44 -26.13
C LYS A 345 4.14 11.21 -25.56
N CYS A 346 5.49 11.20 -25.64
CA CYS A 346 6.31 10.18 -24.94
C CYS A 346 5.95 8.74 -25.31
N GLY A 347 5.63 8.50 -26.59
CA GLY A 347 5.18 7.18 -27.00
C GLY A 347 6.22 6.11 -26.77
N LYS A 348 7.47 6.38 -27.18
CA LYS A 348 8.56 5.41 -26.98
C LYS A 348 8.69 4.94 -25.54
N GLU A 349 8.75 5.89 -24.61
CA GLU A 349 9.05 5.53 -23.22
C GLU A 349 8.00 4.58 -22.62
N PHE A 350 6.74 4.67 -23.08
CA PHE A 350 5.65 3.92 -22.47
C PHE A 350 5.13 2.81 -23.38
N THR A 351 5.96 2.35 -24.33
CA THR A 351 5.54 1.30 -25.28
C THR A 351 4.98 0.05 -24.60
N GLU A 352 5.61 -0.40 -23.52
CA GLU A 352 5.14 -1.64 -22.93
C GLU A 352 3.85 -1.47 -22.11
N PHE A 353 3.42 -0.25 -21.82
CA PHE A 353 2.25 -0.08 -20.90
C PHE A 353 0.95 -0.56 -21.59
C2 PEG B . -20.48 3.68 -24.32
O2 PEG B . -19.26 4.34 -24.62
C3 PEG B . -19.09 4.79 -25.94
C4 PEG B . -18.06 4.01 -26.72
O4 PEG B . -17.49 4.81 -27.72
C10 A1JEI C . -8.21 4.77 -4.21
C11 A1JEI C . -9.49 4.99 -3.69
C12 A1JEI C . -10.50 4.03 -3.85
C13 A1JEI C . -10.25 2.83 -4.48
C14 A1JEI C . -8.99 2.61 -5.00
C15 A1JEI C . -8.00 3.56 -4.85
C01 A1JEI C . -3.02 10.76 -5.37
C02 A1JEI C . -2.82 9.55 -6.28
C03 A1JEI C . -2.94 7.94 -4.37
C04 A1JEI C . -3.33 9.12 -3.46
C05 A1JEI C . -2.71 10.46 -3.92
C06 A1JEI C . -1.24 9.85 -8.19
C07 A1JEI C . -1.36 9.41 -6.74
C08 A1JEI C . -3.61 6.59 -4.04
C09 A1JEI C . -5.83 5.61 -4.22
N01 A1JEI C . -5.05 6.64 -3.71
N02 A1JEI C . -7.18 5.70 -3.94
O01 A1JEI C . -3.23 8.27 -5.74
O02 A1JEI C . 0.09 9.61 -8.66
O03 A1JEI C . -3.00 8.88 -2.08
O04 A1JEI C . -5.33 4.75 -4.91
S DMS D . -9.35 -12.94 15.66
O DMS D . -8.12 -13.32 14.88
C1 DMS D . -9.98 -14.55 16.21
C2 DMS D . -8.95 -12.31 17.31
S DMS E . 27.06 5.79 0.17
O DMS E . 26.60 4.45 0.72
C1 DMS E . 28.86 5.70 0.07
C2 DMS E . 26.75 5.77 -1.61
S DMS F . -4.28 -19.85 -4.75
O DMS F . -2.99 -20.16 -4.00
C1 DMS F . -5.69 -20.49 -3.79
C2 DMS F . -4.60 -18.10 -4.60
S DMS G . -2.16 -18.14 4.29
O DMS G . -2.50 -17.35 3.03
C1 DMS G . -2.42 -19.89 3.87
C2 DMS G . -0.35 -18.13 4.27
S DMS H . -16.79 17.34 -11.77
O DMS H . -15.97 16.26 -11.08
C1 DMS H . -17.78 18.14 -10.47
C2 DMS H . -18.06 16.46 -12.71
#